data_2UZH
#
_entry.id   2UZH
#
_cell.length_a   159.121
_cell.length_b   159.121
_cell.length_c   54.160
_cell.angle_alpha   90.00
_cell.angle_beta   90.00
_cell.angle_gamma   90.00
#
_symmetry.space_group_name_H-M   'I 4'
#
loop_
_entity.id
_entity.type
_entity.pdbx_description
1 polymer '2C-METHYL-D-ERYTHRITOL 2,4-CYCLODIPHOSPHATE SYNTHASE'
2 non-polymer 'ZINC ION'
3 non-polymer "CYTIDINE-5'-DIPHOSPHATE"
4 non-polymer 1,2-ETHANEDIOL
5 non-polymer GLYCEROL
6 non-polymer '3-METHYLBUT-3-ENYL TRIHYDROGEN DIPHOSPHATE'
7 non-polymer DI(HYDROXYETHYL)ETHER
8 non-polymer 'ACETATE ION'
9 water water
#
_entity_poly.entity_id   1
_entity_poly.type   'polypeptide(L)'
_entity_poly.pdbx_seq_one_letter_code
;GHMMLPRVGLGTDVHPIEAGRPCRLLCLEFDDADGCAGHSDGDVAAHALCDALLSAAGLGDLGTIFGTDRPQWRGASGAD
MIRHVRGLVENAGFVIGNATVQVIGNRPKVGPRREEAQQVLSELVGAPVSVSATTTDGLGLTGRGEGLAAIATALVAAEP
VGDAK
;
_entity_poly.pdbx_strand_id   A,B,C
#
# COMPACT_ATOMS: atom_id res chain seq x y z
N LEU A 5 4.93 -15.33 15.08
CA LEU A 5 4.86 -14.82 13.66
C LEU A 5 5.50 -13.44 13.54
N PRO A 6 6.14 -13.14 12.39
CA PRO A 6 6.64 -11.78 12.21
C PRO A 6 5.46 -10.81 11.92
N ARG A 7 5.70 -9.51 12.08
CA ARG A 7 4.65 -8.54 11.90
C ARG A 7 4.92 -7.58 10.74
N VAL A 8 3.88 -7.28 9.97
CA VAL A 8 3.97 -6.40 8.82
C VAL A 8 3.38 -5.04 9.17
N GLY A 9 3.89 -3.97 8.54
CA GLY A 9 3.35 -2.63 8.71
C GLY A 9 3.49 -1.87 7.41
N LEU A 10 2.75 -0.77 7.30
CA LEU A 10 2.69 0.03 6.08
C LEU A 10 2.56 1.49 6.47
N GLY A 11 3.11 2.38 5.64
CA GLY A 11 3.07 3.82 5.87
C GLY A 11 3.00 4.54 4.56
N THR A 12 2.21 5.62 4.49
CA THR A 12 2.16 6.48 3.31
C THR A 12 2.30 7.91 3.74
N ASP A 13 2.67 8.78 2.79
CA ASP A 13 2.79 10.17 3.06
C ASP A 13 2.76 10.97 1.76
N VAL A 14 2.19 12.17 1.83
CA VAL A 14 2.08 13.09 0.68
CA VAL A 14 2.15 13.08 0.68
C VAL A 14 2.44 14.51 1.14
N HIS A 15 3.28 15.21 0.38
CA HIS A 15 3.60 16.63 0.69
C HIS A 15 3.52 17.47 -0.57
N PRO A 16 3.14 18.76 -0.43
CA PRO A 16 3.20 19.63 -1.61
C PRO A 16 4.65 20.00 -1.97
N ILE A 17 4.90 20.23 -3.25
CA ILE A 17 6.19 20.70 -3.73
C ILE A 17 6.23 22.24 -3.69
N GLU A 18 7.36 22.78 -3.23
CA GLU A 18 7.51 24.22 -3.07
C GLU A 18 8.75 24.68 -3.84
N ALA A 19 8.56 25.67 -4.71
CA ALA A 19 9.65 26.23 -5.51
C ALA A 19 10.72 26.85 -4.60
N GLY A 20 11.98 26.54 -4.89
CA GLY A 20 13.10 27.10 -4.13
C GLY A 20 13.57 26.28 -2.93
N ARG A 21 12.64 25.55 -2.31
CA ARG A 21 12.94 24.68 -1.15
C ARG A 21 13.98 23.61 -1.55
N PRO A 22 14.95 23.33 -0.64
CA PRO A 22 15.90 22.24 -0.85
C PRO A 22 15.25 20.85 -0.84
N CYS A 23 15.54 20.07 -1.87
CA CYS A 23 14.97 18.73 -2.00
C CYS A 23 15.71 17.74 -1.11
N ARG A 24 15.16 17.49 0.07
CA ARG A 24 15.61 16.41 0.94
C ARG A 24 14.63 15.27 0.76
N LEU A 25 15.14 14.15 0.27
CA LEU A 25 14.31 13.02 -0.09
C LEU A 25 15.12 11.78 0.12
N LEU A 26 14.55 10.77 0.80
CA LEU A 26 15.24 9.50 0.99
C LEU A 26 16.54 9.69 1.77
N CYS A 27 16.56 10.75 2.59
CA CYS A 27 17.72 11.13 3.40
C CYS A 27 18.95 11.52 2.54
N LEU A 28 18.70 11.94 1.30
CA LEU A 28 19.72 12.51 0.42
C LEU A 28 19.33 13.94 0.09
N GLU A 29 20.27 14.71 -0.46
CA GLU A 29 19.97 16.03 -1.00
C GLU A 29 20.04 15.96 -2.52
N PHE A 30 18.95 16.32 -3.17
CA PHE A 30 18.96 16.45 -4.61
C PHE A 30 19.03 17.97 -4.82
N ASP A 31 20.26 18.49 -4.86
CA ASP A 31 20.51 19.95 -4.95
C ASP A 31 20.33 20.38 -6.41
N ASP A 32 19.09 20.27 -6.86
CA ASP A 32 18.79 19.71 -8.16
C ASP A 32 17.34 20.05 -8.53
N ALA A 33 16.41 19.49 -7.75
CA ALA A 33 14.96 19.69 -7.95
C ALA A 33 14.35 20.43 -6.76
N ASP A 34 13.06 20.74 -6.85
CA ASP A 34 12.25 21.08 -5.68
C ASP A 34 11.77 19.72 -5.13
N GLY A 35 11.70 19.52 -3.81
CA GLY A 35 11.75 20.55 -2.77
C GLY A 35 10.38 20.54 -2.13
N CYS A 36 10.22 19.78 -1.04
CA CYS A 36 8.89 19.63 -0.39
C CYS A 36 8.69 20.50 0.85
N ALA A 37 7.45 20.93 1.05
CA ALA A 37 7.08 21.86 2.12
C ALA A 37 6.29 21.20 3.26
N SER A 40 8.70 18.51 7.98
CA SER A 40 9.92 18.99 8.64
C SER A 40 10.91 19.51 7.60
N ASP A 41 11.75 18.63 7.05
CA ASP A 41 12.52 18.90 5.84
C ASP A 41 11.78 18.42 4.56
N GLY A 42 10.53 17.96 4.76
CA GLY A 42 9.69 17.47 3.67
C GLY A 42 10.10 16.14 3.05
N ASP A 43 10.87 15.33 3.79
CA ASP A 43 11.27 14.01 3.30
C ASP A 43 10.13 12.98 3.40
N VAL A 44 9.30 12.97 2.37
CA VAL A 44 8.11 12.15 2.27
C VAL A 44 8.45 10.66 2.43
N ALA A 45 9.59 10.24 1.88
CA ALA A 45 10.05 8.86 1.96
C ALA A 45 10.51 8.46 3.36
N ALA A 46 11.20 9.37 4.07
CA ALA A 46 11.58 9.13 5.47
C ALA A 46 10.35 9.00 6.36
N HIS A 47 9.35 9.84 6.12
CA HIS A 47 8.10 9.82 6.89
C HIS A 47 7.30 8.54 6.69
N ALA A 48 7.12 8.13 5.43
CA ALA A 48 6.42 6.87 5.12
C ALA A 48 7.12 5.67 5.80
N LEU A 49 8.45 5.66 5.72
CA LEU A 49 9.25 4.58 6.33
CA LEU A 49 9.26 4.60 6.32
C LEU A 49 9.09 4.56 7.84
N CYS A 50 9.11 5.72 8.48
CA CYS A 50 8.88 5.80 9.92
C CYS A 50 7.53 5.20 10.27
N ASP A 51 6.49 5.67 9.57
CA ASP A 51 5.14 5.12 9.75
C ASP A 51 5.00 3.61 9.53
N ALA A 52 5.73 3.06 8.56
CA ALA A 52 5.69 1.61 8.33
C ALA A 52 6.29 0.86 9.54
N LEU A 53 7.39 1.38 10.06
CA LEU A 53 8.10 0.71 11.18
C LEU A 53 7.26 0.77 12.45
N LEU A 54 6.69 1.94 12.73
CA LEU A 54 5.87 2.16 13.92
C LEU A 54 4.62 1.29 13.88
N SER A 55 3.96 1.25 12.71
CA SER A 55 2.78 0.42 12.57
C SER A 55 3.05 -1.10 12.68
N ALA A 56 4.12 -1.61 12.08
CA ALA A 56 4.55 -3.01 12.29
C ALA A 56 4.74 -3.34 13.78
N ALA A 57 5.29 -2.40 14.53
CA ALA A 57 5.61 -2.61 15.92
C ALA A 57 4.44 -2.27 16.86
N GLY A 58 3.35 -1.75 16.31
CA GLY A 58 2.20 -1.37 17.09
C GLY A 58 2.41 -0.16 17.98
N LEU A 59 3.21 0.81 17.52
CA LEU A 59 3.60 1.95 18.35
C LEU A 59 2.98 3.31 17.98
N GLY A 60 2.00 3.32 17.10
CA GLY A 60 1.37 4.58 16.69
C GLY A 60 1.85 5.06 15.33
N ASP A 61 1.79 6.37 15.12
CA ASP A 61 2.29 7.02 13.93
C ASP A 61 3.15 8.22 14.32
N LEU A 62 3.52 9.04 13.34
CA LEU A 62 4.38 10.19 13.58
C LEU A 62 3.82 11.17 14.59
N GLY A 63 2.49 11.34 14.57
CA GLY A 63 1.82 12.24 15.51
C GLY A 63 1.91 11.71 16.92
N THR A 64 1.66 10.42 17.11
CA THR A 64 1.86 9.79 18.40
C THR A 64 3.23 10.11 18.99
N ILE A 65 4.27 10.02 18.15
CA ILE A 65 5.64 9.99 18.64
C ILE A 65 6.39 11.33 18.65
N PHE A 66 6.09 12.19 17.68
CA PHE A 66 6.74 13.49 17.60
C PHE A 66 5.75 14.61 17.96
N GLY A 67 4.51 14.22 18.27
CA GLY A 67 3.45 15.15 18.63
C GLY A 67 3.25 16.20 17.56
N THR A 68 2.61 17.30 17.93
CA THR A 68 2.47 18.44 17.02
C THR A 68 3.21 19.68 17.56
N ASP A 69 4.07 20.23 16.71
CA ASP A 69 5.01 21.30 17.08
C ASP A 69 5.64 21.15 18.48
N ARG A 70 6.06 19.93 18.81
CA ARG A 70 6.84 19.64 20.03
C ARG A 70 8.18 20.36 19.94
N PRO A 71 8.59 21.05 21.01
CA PRO A 71 9.79 21.86 20.87
C PRO A 71 11.02 21.03 20.52
N GLN A 72 11.14 19.82 21.07
CA GLN A 72 12.38 19.06 20.90
C GLN A 72 12.53 18.42 19.51
N TRP A 73 11.44 18.36 18.76
CA TRP A 73 11.49 17.81 17.41
C TRP A 73 11.26 18.83 16.30
N ARG A 74 11.08 20.10 16.69
CA ARG A 74 10.98 21.18 15.71
C ARG A 74 12.21 21.17 14.81
N GLY A 75 11.99 20.80 13.55
CA GLY A 75 13.03 20.82 12.53
C GLY A 75 13.90 19.58 12.47
N ALA A 76 13.43 18.49 13.08
CA ALA A 76 14.08 17.19 12.99
C ALA A 76 14.10 16.74 11.53
N SER A 77 15.25 16.26 11.09
CA SER A 77 15.36 15.80 9.74
C SER A 77 14.73 14.41 9.62
N GLY A 78 14.72 13.86 8.41
CA GLY A 78 14.20 12.52 8.16
C GLY A 78 15.07 11.47 8.83
N ALA A 79 16.38 11.63 8.72
CA ALA A 79 17.36 10.78 9.40
C ALA A 79 17.19 10.79 10.94
N ASP A 80 16.97 11.97 11.53
CA ASP A 80 16.72 12.11 12.97
C ASP A 80 15.53 11.26 13.36
N MET A 81 14.48 11.35 12.54
CA MET A 81 13.20 10.68 12.82
C MET A 81 13.36 9.18 12.74
N ILE A 82 13.99 8.69 11.67
CA ILE A 82 14.14 7.25 11.57
CA ILE A 82 14.26 7.25 11.49
C ILE A 82 15.07 6.69 12.67
N ARG A 83 16.17 7.39 12.99
CA ARG A 83 17.06 7.02 14.10
C ARG A 83 16.28 6.77 15.40
N HIS A 84 15.36 7.69 15.73
CA HIS A 84 14.52 7.59 16.94
C HIS A 84 13.49 6.45 16.84
N VAL A 85 12.84 6.34 15.67
CA VAL A 85 11.90 5.24 15.40
C VAL A 85 12.56 3.87 15.50
N ARG A 86 13.71 3.71 14.87
CA ARG A 86 14.50 2.47 15.02
C ARG A 86 14.70 2.12 16.50
N GLY A 87 15.10 3.12 17.30
CA GLY A 87 15.29 2.91 18.74
C GLY A 87 14.02 2.50 19.49
N LEU A 88 12.90 3.13 19.16
CA LEU A 88 11.61 2.78 19.77
C LEU A 88 11.19 1.34 19.47
N VAL A 89 11.42 0.93 18.21
CA VAL A 89 11.08 -0.41 17.75
C VAL A 89 11.93 -1.48 18.44
N GLU A 90 13.24 -1.24 18.54
CA GLU A 90 14.12 -2.22 19.18
C GLU A 90 13.85 -2.31 20.69
N ASN A 91 13.50 -1.19 21.31
CA ASN A 91 13.15 -1.13 22.73
C ASN A 91 11.85 -1.83 23.07
N ALA A 92 10.91 -1.85 22.11
CA ALA A 92 9.66 -2.60 22.27
C ALA A 92 9.88 -4.10 22.09
N GLY A 93 11.12 -4.49 21.81
CA GLY A 93 11.53 -5.89 21.79
C GLY A 93 11.49 -6.53 20.42
N PHE A 94 11.57 -5.71 19.38
CA PHE A 94 11.47 -6.21 18.01
C PHE A 94 12.80 -6.10 17.30
N VAL A 95 13.05 -7.04 16.41
CA VAL A 95 14.18 -6.98 15.46
CA VAL A 95 14.17 -6.92 15.47
C VAL A 95 13.59 -6.58 14.09
N ILE A 96 14.20 -5.60 13.42
CA ILE A 96 13.73 -5.21 12.09
C ILE A 96 14.31 -6.13 11.02
N GLY A 97 13.43 -6.79 10.27
CA GLY A 97 13.83 -7.65 9.15
C GLY A 97 14.21 -6.88 7.90
N ASN A 98 13.27 -6.13 7.33
CA ASN A 98 13.55 -5.33 6.13
C ASN A 98 12.52 -4.25 6.04
N ALA A 99 12.76 -3.25 5.19
CA ALA A 99 11.76 -2.25 4.89
C ALA A 99 11.93 -1.84 3.43
N THR A 100 10.89 -1.29 2.85
CA THR A 100 10.91 -0.88 1.45
C THR A 100 10.19 0.45 1.36
N VAL A 101 10.58 1.27 0.41
CA VAL A 101 9.90 2.52 0.18
C VAL A 101 9.87 2.83 -1.33
N GLN A 102 8.68 3.18 -1.84
CA GLN A 102 8.53 3.65 -3.22
C GLN A 102 8.18 5.13 -3.26
N VAL A 103 9.00 5.93 -3.94
CA VAL A 103 8.69 7.32 -4.18
C VAL A 103 7.73 7.47 -5.40
N ILE A 104 6.71 8.30 -5.26
CA ILE A 104 5.74 8.50 -6.33
C ILE A 104 5.75 9.99 -6.76
N GLY A 105 6.35 10.26 -7.92
CA GLY A 105 6.42 11.62 -8.43
C GLY A 105 7.34 11.75 -9.62
N ASN A 106 7.32 12.93 -10.23
CA ASN A 106 8.07 13.21 -11.46
C ASN A 106 9.55 13.47 -11.21
N ARG A 107 9.84 14.38 -10.29
CA ARG A 107 11.22 14.79 -10.00
C ARG A 107 11.43 14.84 -8.49
N PRO A 108 12.66 14.52 -8.01
CA PRO A 108 13.85 14.17 -8.79
C PRO A 108 13.76 12.78 -9.37
N LYS A 109 14.66 12.46 -10.30
CA LYS A 109 14.87 11.10 -10.73
C LYS A 109 15.69 10.40 -9.65
N VAL A 110 15.14 9.33 -9.13
CA VAL A 110 15.71 8.59 -8.01
C VAL A 110 16.74 7.57 -8.51
N GLY A 111 16.47 7.01 -9.69
CA GLY A 111 17.32 5.97 -10.29
C GLY A 111 18.83 6.13 -10.18
N PRO A 112 19.38 7.29 -10.60
CA PRO A 112 20.84 7.52 -10.53
C PRO A 112 21.42 7.48 -9.10
N ARG A 113 20.61 7.78 -8.10
CA ARG A 113 21.03 7.76 -6.70
C ARG A 113 20.34 6.69 -5.83
N ARG A 114 19.72 5.71 -6.48
CA ARG A 114 18.92 4.70 -5.80
C ARG A 114 19.75 3.79 -4.88
N GLU A 115 20.92 3.37 -5.35
CA GLU A 115 21.79 2.52 -4.54
C GLU A 115 22.41 3.25 -3.36
N GLU A 116 22.69 4.54 -3.56
CA GLU A 116 23.16 5.42 -2.50
C GLU A 116 22.07 5.59 -1.42
N ALA A 117 20.83 5.81 -1.84
CA ALA A 117 19.69 5.95 -0.92
C ALA A 117 19.50 4.67 -0.11
N GLN A 118 19.61 3.52 -0.78
CA GLN A 118 19.56 2.22 -0.12
C GLN A 118 20.65 2.03 0.92
N GLN A 119 21.87 2.48 0.63
CA GLN A 119 22.98 2.38 1.57
CA GLN A 119 22.97 2.39 1.59
C GLN A 119 22.74 3.27 2.79
N VAL A 120 22.37 4.52 2.55
CA VAL A 120 22.11 5.49 3.62
C VAL A 120 21.00 5.01 4.53
N LEU A 121 19.91 4.54 3.94
CA LEU A 121 18.70 4.19 4.68
C LEU A 121 18.84 2.86 5.40
N SER A 122 19.54 1.91 4.78
CA SER A 122 19.85 0.62 5.43
C SER A 122 20.69 0.77 6.70
N GLU A 123 21.64 1.70 6.67
CA GLU A 123 22.47 2.06 7.81
C GLU A 123 21.66 2.71 8.93
N LEU A 124 20.73 3.60 8.57
CA LEU A 124 19.86 4.25 9.54
C LEU A 124 18.84 3.32 10.21
N VAL A 125 18.29 2.38 9.44
CA VAL A 125 17.29 1.42 9.92
C VAL A 125 17.96 0.19 10.56
N GLY A 126 19.18 -0.14 10.11
CA GLY A 126 19.90 -1.31 10.62
C GLY A 126 19.42 -2.60 10.01
N ALA A 127 18.76 -2.47 8.86
CA ALA A 127 18.22 -3.59 8.13
C ALA A 127 18.13 -3.21 6.66
N PRO A 128 18.06 -4.21 5.75
CA PRO A 128 17.98 -3.92 4.30
C PRO A 128 16.77 -3.06 3.89
N VAL A 129 17.01 -1.88 3.32
CA VAL A 129 15.94 -0.99 2.86
C VAL A 129 15.95 -0.99 1.33
N SER A 130 14.82 -1.34 0.72
CA SER A 130 14.70 -1.32 -0.74
C SER A 130 14.15 0.05 -1.14
N VAL A 131 14.71 0.64 -2.19
CA VAL A 131 14.21 1.92 -2.71
C VAL A 131 13.72 1.78 -4.16
N SER A 132 12.53 2.30 -4.44
CA SER A 132 12.09 2.36 -5.82
C SER A 132 11.34 3.64 -6.09
N ALA A 133 10.96 3.83 -7.35
CA ALA A 133 10.27 5.02 -7.76
C ALA A 133 9.36 4.76 -8.98
N THR A 134 8.30 5.54 -9.03
CA THR A 134 7.37 5.49 -10.13
C THR A 134 6.86 6.90 -10.39
N THR A 135 6.44 7.14 -11.63
CA THR A 135 5.58 8.31 -11.93
C THR A 135 4.13 7.83 -12.10
N THR A 136 3.24 8.79 -12.30
CA THR A 136 1.83 8.53 -12.56
C THR A 136 1.50 8.95 -14.00
N ASP A 137 2.56 9.15 -14.79
CA ASP A 137 2.42 9.40 -16.22
C ASP A 137 1.53 10.63 -16.47
N GLY A 138 1.74 11.71 -15.71
CA GLY A 138 1.01 12.96 -15.89
C GLY A 138 -0.31 13.14 -15.15
N LEU A 139 -0.71 12.12 -14.39
CA LEU A 139 -2.03 12.09 -13.77
C LEU A 139 -2.02 12.38 -12.25
N GLY A 140 -3.07 13.06 -11.78
CA GLY A 140 -3.18 13.35 -10.36
C GLY A 140 -2.19 14.40 -9.85
N LEU A 141 -2.20 14.59 -8.53
CA LEU A 141 -1.40 15.60 -7.86
C LEU A 141 0.14 15.45 -8.08
N THR A 142 0.64 14.22 -8.13
CA THR A 142 2.07 13.99 -8.37
C THR A 142 2.45 14.14 -9.86
N GLY A 143 1.55 13.69 -10.76
CA GLY A 143 1.76 13.78 -12.21
C GLY A 143 1.75 15.20 -12.76
N ARG A 144 0.95 16.07 -12.13
CA ARG A 144 0.94 17.51 -12.43
C ARG A 144 2.09 18.26 -11.73
N GLY A 145 2.87 17.55 -10.92
CA GLY A 145 3.97 18.15 -10.17
C GLY A 145 3.56 19.03 -9.00
N GLU A 146 2.37 18.82 -8.47
CA GLU A 146 1.89 19.58 -7.30
C GLU A 146 2.39 19.01 -5.98
N GLY A 147 2.80 17.74 -6.00
CA GLY A 147 3.18 17.02 -4.79
C GLY A 147 4.07 15.82 -5.04
N LEU A 148 4.64 15.30 -3.95
CA LEU A 148 5.41 14.08 -3.92
C LEU A 148 4.75 13.17 -2.88
N ALA A 149 4.68 11.88 -3.19
CA ALA A 149 4.16 10.88 -2.27
C ALA A 149 5.20 9.76 -2.08
N ALA A 150 5.02 9.00 -1.01
CA ALA A 150 5.76 7.77 -0.80
C ALA A 150 4.88 6.73 -0.10
N ILE A 151 5.21 5.47 -0.34
CA ILE A 151 4.57 4.38 0.36
C ILE A 151 5.63 3.34 0.72
N ALA A 152 5.52 2.79 1.93
CA ALA A 152 6.57 1.99 2.54
C ALA A 152 5.93 0.84 3.31
N THR A 153 6.62 -0.30 3.34
CA THR A 153 6.30 -1.45 4.17
C THR A 153 7.47 -1.78 5.07
N ALA A 154 7.22 -2.57 6.11
CA ALA A 154 8.26 -3.02 7.02
C ALA A 154 7.85 -4.37 7.58
N LEU A 155 8.86 -5.18 7.86
CA LEU A 155 8.65 -6.45 8.51
CA LEU A 155 8.63 -6.44 8.53
C LEU A 155 9.55 -6.51 9.75
N VAL A 156 8.95 -6.75 10.91
CA VAL A 156 9.65 -6.88 12.17
C VAL A 156 9.31 -8.23 12.85
N ALA A 157 10.14 -8.67 13.78
CA ALA A 157 9.85 -9.86 14.59
C ALA A 157 10.32 -9.73 16.04
N ALA A 158 9.55 -10.30 16.95
CA ALA A 158 9.82 -10.26 18.38
C ALA A 158 11.15 -10.92 18.72
N GLU A 159 11.84 -10.29 19.68
CA GLU A 159 13.04 -10.76 20.39
C GLU A 159 14.34 -10.27 19.73
N LEU B 5 14.65 -14.22 8.70
CA LEU B 5 13.28 -13.62 8.48
C LEU B 5 12.85 -13.53 7.02
N PRO B 6 11.56 -13.80 6.75
CA PRO B 6 10.97 -13.48 5.45
C PRO B 6 11.06 -11.99 5.16
N ARG B 7 10.97 -11.61 3.90
CA ARG B 7 11.05 -10.20 3.51
C ARG B 7 9.81 -9.78 2.74
N VAL B 8 9.30 -8.59 3.07
CA VAL B 8 8.10 -8.04 2.43
CA VAL B 8 8.12 -8.05 2.42
C VAL B 8 8.52 -7.01 1.38
N GLY B 9 7.71 -6.87 0.33
CA GLY B 9 7.92 -5.83 -0.70
C GLY B 9 6.58 -5.27 -1.15
N LEU B 10 6.62 -4.11 -1.79
CA LEU B 10 5.41 -3.44 -2.24
C LEU B 10 5.71 -2.70 -3.55
N GLY B 11 4.72 -2.69 -4.45
CA GLY B 11 4.85 -1.88 -5.66
C GLY B 11 3.51 -1.29 -6.02
N THR B 12 3.54 -0.09 -6.56
CA THR B 12 2.35 0.54 -7.11
CA THR B 12 2.35 0.53 -7.12
C THR B 12 2.67 1.01 -8.53
N ASP B 13 1.62 1.23 -9.34
CA ASP B 13 1.81 1.69 -10.71
C ASP B 13 0.51 2.39 -11.11
N VAL B 14 0.60 3.45 -11.91
CA VAL B 14 -0.57 4.18 -12.41
C VAL B 14 -0.32 4.47 -13.88
N HIS B 15 -1.27 4.16 -14.76
CA HIS B 15 -1.18 4.64 -16.17
C HIS B 15 -2.45 5.26 -16.69
N PRO B 16 -2.33 6.20 -17.66
CA PRO B 16 -3.54 6.71 -18.30
C PRO B 16 -4.21 5.62 -19.13
N ILE B 17 -5.54 5.58 -19.13
CA ILE B 17 -6.28 4.77 -20.11
C ILE B 17 -6.11 5.37 -21.52
N GLU B 18 -5.81 4.52 -22.49
CA GLU B 18 -5.65 4.96 -23.88
C GLU B 18 -6.84 4.41 -24.66
N ALA B 19 -7.74 5.29 -25.06
CA ALA B 19 -8.96 4.89 -25.75
C ALA B 19 -8.62 4.11 -27.02
N GLY B 20 -9.25 2.96 -27.18
CA GLY B 20 -8.99 2.12 -28.36
C GLY B 20 -7.80 1.18 -28.26
N ARG B 21 -7.01 1.28 -27.20
CA ARG B 21 -5.95 0.29 -26.97
C ARG B 21 -6.57 -1.01 -26.39
N PRO B 22 -6.14 -2.20 -26.88
CA PRO B 22 -6.61 -3.45 -26.25
C PRO B 22 -6.37 -3.46 -24.73
N CYS B 23 -7.33 -3.95 -23.97
CA CYS B 23 -7.26 -3.93 -22.49
C CYS B 23 -6.50 -5.13 -21.90
N ARG B 24 -5.22 -4.90 -21.65
CA ARG B 24 -4.36 -5.90 -21.06
C ARG B 24 -4.16 -5.66 -19.58
N LEU B 25 -4.69 -6.55 -18.75
CA LEU B 25 -4.75 -6.30 -17.31
C LEU B 25 -4.74 -7.65 -16.64
N LEU B 26 -3.91 -7.77 -15.60
CA LEU B 26 -3.76 -8.98 -14.80
C LEU B 26 -3.35 -10.17 -15.67
N CYS B 27 -2.60 -9.87 -16.74
CA CYS B 27 -2.14 -10.84 -17.72
C CYS B 27 -3.28 -11.53 -18.45
N LEU B 28 -4.44 -10.85 -18.48
CA LEU B 28 -5.59 -11.25 -19.26
C LEU B 28 -5.87 -10.17 -20.31
N GLU B 29 -6.74 -10.51 -21.25
CA GLU B 29 -7.24 -9.49 -22.14
C GLU B 29 -8.75 -9.40 -21.94
N PHE B 30 -9.22 -8.20 -21.65
CA PHE B 30 -10.64 -7.96 -21.31
C PHE B 30 -11.37 -7.35 -22.51
N ASP B 31 -12.50 -7.95 -22.88
CA ASP B 31 -13.43 -7.37 -23.87
C ASP B 31 -14.11 -6.13 -23.28
N ASP B 32 -14.55 -5.22 -24.14
CA ASP B 32 -15.38 -4.10 -23.73
C ASP B 32 -14.70 -3.19 -22.73
N ALA B 33 -13.40 -3.01 -22.91
CA ALA B 33 -12.69 -2.01 -22.16
C ALA B 33 -11.47 -1.63 -22.94
N ASP B 34 -10.81 -0.58 -22.49
CA ASP B 34 -9.60 -0.05 -23.09
C ASP B 34 -8.42 -0.21 -22.15
N GLY B 35 -7.26 -0.52 -22.72
CA GLY B 35 -6.02 -0.65 -21.95
C GLY B 35 -5.34 0.67 -21.67
N CYS B 36 -4.14 0.57 -21.10
CA CYS B 36 -3.41 1.73 -20.64
C CYS B 36 -2.21 2.03 -21.53
N ALA B 37 -1.89 3.32 -21.61
CA ALA B 37 -0.61 3.76 -22.10
C ALA B 37 0.40 3.47 -21.00
N SER B 40 5.37 -1.21 -22.30
CA SER B 40 4.95 -2.57 -22.71
C SER B 40 3.45 -2.51 -23.09
N ASP B 41 2.66 -3.48 -22.66
CA ASP B 41 1.26 -3.55 -23.00
C ASP B 41 0.36 -2.67 -22.09
N GLY B 42 0.99 -1.95 -21.16
CA GLY B 42 0.34 -1.06 -20.21
C GLY B 42 -0.39 -1.72 -19.04
N ASP B 43 -0.03 -2.97 -18.72
CA ASP B 43 -0.74 -3.79 -17.69
C ASP B 43 -0.25 -3.31 -16.32
N VAL B 44 -1.07 -2.51 -15.64
CA VAL B 44 -0.72 -1.84 -14.38
CA VAL B 44 -0.70 -1.85 -14.37
C VAL B 44 -0.54 -2.84 -13.23
N ALA B 45 -1.27 -3.94 -13.31
CA ALA B 45 -1.21 -4.98 -12.29
C ALA B 45 0.10 -5.82 -12.36
N ALA B 46 0.50 -6.20 -13.58
CA ALA B 46 1.79 -6.85 -13.86
C ALA B 46 2.99 -6.01 -13.43
N HIS B 47 2.95 -4.72 -13.75
CA HIS B 47 3.95 -3.74 -13.33
C HIS B 47 4.07 -3.63 -11.81
N ALA B 48 2.95 -3.44 -11.13
CA ALA B 48 2.93 -3.39 -9.66
C ALA B 48 3.50 -4.69 -9.00
N LEU B 49 3.11 -5.84 -9.55
CA LEU B 49 3.60 -7.14 -9.08
CA LEU B 49 3.59 -7.15 -9.10
C LEU B 49 5.12 -7.33 -9.27
N CYS B 50 5.64 -6.97 -10.44
CA CYS B 50 7.09 -6.99 -10.66
C CYS B 50 7.81 -6.14 -9.62
N ASP B 51 7.30 -4.94 -9.39
CA ASP B 51 7.89 -4.02 -8.44
C ASP B 51 7.81 -4.51 -7.00
N ALA B 52 6.71 -5.16 -6.65
CA ALA B 52 6.61 -5.75 -5.30
C ALA B 52 7.66 -6.86 -5.11
N LEU B 53 7.79 -7.73 -6.10
CA LEU B 53 8.76 -8.84 -6.04
C LEU B 53 10.18 -8.33 -6.03
N LEU B 54 10.48 -7.31 -6.86
CA LEU B 54 11.81 -6.76 -6.93
C LEU B 54 12.22 -6.05 -5.64
N SER B 55 11.30 -5.29 -5.03
CA SER B 55 11.58 -4.63 -3.76
C SER B 55 11.73 -5.63 -2.61
N ALA B 56 10.89 -6.66 -2.56
CA ALA B 56 11.04 -7.73 -1.56
C ALA B 56 12.46 -8.34 -1.58
N ALA B 57 13.01 -8.51 -2.78
CA ALA B 57 14.30 -9.17 -2.96
C ALA B 57 15.48 -8.20 -3.01
N GLY B 58 15.23 -6.90 -2.89
CA GLY B 58 16.29 -5.90 -2.96
C GLY B 58 16.91 -5.66 -4.34
N LEU B 59 16.15 -5.92 -5.39
CA LEU B 59 16.67 -5.87 -6.77
C LEU B 59 16.32 -4.62 -7.59
N GLY B 60 15.73 -3.62 -6.96
CA GLY B 60 15.45 -2.35 -7.66
C GLY B 60 14.00 -2.26 -8.09
N ASP B 61 13.79 -1.68 -9.27
CA ASP B 61 12.45 -1.57 -9.85
C ASP B 61 12.49 -1.83 -11.34
N LEU B 62 11.35 -1.61 -12.01
CA LEU B 62 11.20 -1.89 -13.43
C LEU B 62 12.26 -1.24 -14.31
N GLY B 63 12.57 0.03 -14.06
CA GLY B 63 13.58 0.76 -14.83
C GLY B 63 14.98 0.18 -14.68
N THR B 64 15.32 -0.24 -13.46
CA THR B 64 16.59 -0.89 -13.14
C THR B 64 16.81 -2.09 -14.04
N ILE B 65 15.75 -2.89 -14.17
CA ILE B 65 15.95 -4.14 -14.84
CA ILE B 65 15.81 -4.19 -14.82
C ILE B 65 15.54 -4.14 -16.32
N PHE B 66 14.53 -3.35 -16.71
CA PHE B 66 14.09 -3.35 -18.11
C PHE B 66 14.60 -2.16 -18.92
N GLY B 67 14.97 -1.08 -18.22
CA GLY B 67 15.38 0.16 -18.88
C GLY B 67 14.24 0.68 -19.75
N THR B 68 14.59 1.41 -20.80
CA THR B 68 13.59 1.91 -21.75
C THR B 68 14.04 1.60 -23.17
N ASP B 69 13.11 1.02 -23.95
CA ASP B 69 13.34 0.69 -25.36
C ASP B 69 14.57 -0.18 -25.64
N ARG B 70 14.92 -1.07 -24.71
CA ARG B 70 15.98 -2.06 -24.97
C ARG B 70 15.51 -3.07 -26.03
N PRO B 71 16.35 -3.36 -27.02
CA PRO B 71 15.93 -4.23 -28.12
C PRO B 71 15.55 -5.66 -27.67
N GLN B 72 16.12 -6.12 -26.57
CA GLN B 72 15.81 -7.44 -26.04
C GLN B 72 14.44 -7.56 -25.36
N TRP B 73 13.78 -6.42 -25.12
CA TRP B 73 12.45 -6.40 -24.45
C TRP B 73 11.34 -5.91 -25.38
N ARG B 74 11.69 -5.74 -26.65
CA ARG B 74 10.75 -5.28 -27.68
C ARG B 74 9.55 -6.23 -27.86
N GLY B 75 8.35 -5.70 -27.66
CA GLY B 75 7.12 -6.49 -27.80
C GLY B 75 6.67 -7.29 -26.58
N ALA B 76 7.49 -7.28 -25.52
CA ALA B 76 7.30 -8.12 -24.32
C ALA B 76 6.06 -7.71 -23.51
N SER B 77 5.33 -8.71 -23.02
CA SER B 77 4.09 -8.46 -22.30
C SER B 77 4.37 -8.41 -20.79
N GLY B 78 3.33 -8.11 -20.00
CA GLY B 78 3.41 -8.20 -18.55
C GLY B 78 3.81 -9.60 -18.12
N ALA B 79 3.30 -10.63 -18.81
CA ALA B 79 3.64 -12.02 -18.51
C ALA B 79 5.14 -12.27 -18.73
N ASP B 80 5.71 -11.75 -19.82
CA ASP B 80 7.14 -11.90 -20.09
C ASP B 80 7.96 -11.22 -18.99
N MET B 81 7.52 -10.05 -18.56
CA MET B 81 8.21 -9.29 -17.51
C MET B 81 8.18 -10.02 -16.14
N ILE B 82 7.01 -10.52 -15.76
CA ILE B 82 6.85 -11.31 -14.53
C ILE B 82 7.75 -12.56 -14.53
N ARG B 83 7.78 -13.31 -15.64
CA ARG B 83 8.61 -14.50 -15.74
CA ARG B 83 8.62 -14.50 -15.75
C ARG B 83 10.08 -14.15 -15.55
N HIS B 84 10.52 -13.04 -16.16
CA HIS B 84 11.89 -12.62 -16.02
C HIS B 84 12.18 -12.17 -14.57
N VAL B 85 11.29 -11.37 -13.99
CA VAL B 85 11.45 -10.95 -12.60
C VAL B 85 11.48 -12.16 -11.64
N ARG B 86 10.63 -13.16 -11.89
CA ARG B 86 10.66 -14.40 -11.12
C ARG B 86 12.04 -15.10 -11.15
N GLY B 87 12.66 -15.14 -12.32
CA GLY B 87 13.98 -15.75 -12.47
C GLY B 87 15.07 -14.97 -11.75
N LEU B 88 15.01 -13.65 -11.79
CA LEU B 88 15.96 -12.83 -11.06
C LEU B 88 15.85 -13.00 -9.53
N VAL B 89 14.63 -13.09 -9.02
CA VAL B 89 14.37 -13.23 -7.61
C VAL B 89 14.89 -14.62 -7.17
N GLU B 90 14.56 -15.65 -7.94
CA GLU B 90 15.05 -17.00 -7.61
C GLU B 90 16.58 -17.15 -7.68
N ASN B 91 17.20 -16.52 -8.67
CA ASN B 91 18.66 -16.57 -8.80
CA ASN B 91 18.67 -16.51 -8.85
C ASN B 91 19.38 -15.73 -7.76
N ALA B 92 18.69 -14.72 -7.20
CA ALA B 92 19.23 -13.95 -6.07
C ALA B 92 19.12 -14.77 -4.76
N GLY B 93 18.62 -16.01 -4.85
CA GLY B 93 18.56 -16.92 -3.72
C GLY B 93 17.29 -16.91 -2.89
N PHE B 94 16.20 -16.37 -3.45
CA PHE B 94 14.93 -16.25 -2.70
C PHE B 94 13.89 -17.27 -3.15
N VAL B 95 13.08 -17.75 -2.20
CA VAL B 95 11.83 -18.45 -2.48
C VAL B 95 10.68 -17.44 -2.36
N ILE B 96 9.71 -17.52 -3.26
CA ILE B 96 8.54 -16.63 -3.24
C ILE B 96 7.41 -17.32 -2.49
N GLY B 97 6.93 -16.67 -1.43
CA GLY B 97 5.89 -17.26 -0.59
C GLY B 97 4.50 -16.99 -1.13
N ASN B 98 4.22 -15.71 -1.40
CA ASN B 98 2.96 -15.28 -2.01
C ASN B 98 3.08 -13.83 -2.51
N ALA B 99 2.08 -13.40 -3.27
CA ALA B 99 1.98 -12.04 -3.74
C ALA B 99 0.50 -11.71 -3.84
N THR B 100 0.17 -10.42 -3.81
CA THR B 100 -1.22 -9.98 -3.95
C THR B 100 -1.24 -8.75 -4.82
N VAL B 101 -2.34 -8.54 -5.52
CA VAL B 101 -2.47 -7.31 -6.27
C VAL B 101 -3.91 -6.80 -6.24
N GLN B 102 -4.08 -5.50 -6.02
CA GLN B 102 -5.37 -4.87 -6.11
C GLN B 102 -5.40 -3.85 -7.24
N VAL B 103 -6.36 -3.99 -8.15
CA VAL B 103 -6.63 -3.05 -9.23
C VAL B 103 -7.55 -1.94 -8.74
N ILE B 104 -7.18 -0.70 -9.04
CA ILE B 104 -8.00 0.45 -8.65
C ILE B 104 -8.50 1.17 -9.91
N GLY B 105 -9.78 1.03 -10.22
CA GLY B 105 -10.36 1.74 -11.34
C GLY B 105 -11.75 1.25 -11.63
N ASN B 106 -12.38 1.82 -12.66
CA ASN B 106 -13.81 1.60 -12.88
C ASN B 106 -14.10 0.46 -13.82
N ARG B 107 -13.35 0.40 -14.92
CA ARG B 107 -13.51 -0.57 -16.01
C ARG B 107 -12.11 -1.06 -16.44
N PRO B 108 -11.98 -2.37 -16.74
CA PRO B 108 -13.03 -3.38 -16.73
C PRO B 108 -13.41 -3.80 -15.32
N LYS B 109 -14.53 -4.48 -15.18
CA LYS B 109 -14.83 -5.22 -13.95
C LYS B 109 -14.01 -6.48 -13.92
N VAL B 110 -13.22 -6.60 -12.86
CA VAL B 110 -12.27 -7.67 -12.70
C VAL B 110 -12.96 -8.94 -12.17
N GLY B 111 -13.99 -8.73 -11.34
CA GLY B 111 -14.68 -9.81 -10.63
C GLY B 111 -15.04 -11.08 -11.37
N PRO B 112 -15.73 -10.98 -12.53
CA PRO B 112 -16.11 -12.19 -13.27
C PRO B 112 -14.91 -13.02 -13.75
N ARG B 113 -13.74 -12.40 -13.88
CA ARG B 113 -12.54 -13.14 -14.28
C ARG B 113 -11.43 -13.16 -13.23
N ARG B 114 -11.79 -12.88 -11.99
CA ARG B 114 -10.84 -12.81 -10.87
C ARG B 114 -10.13 -14.14 -10.55
N GLU B 115 -10.87 -15.26 -10.57
CA GLU B 115 -10.29 -16.57 -10.36
C GLU B 115 -9.37 -17.01 -11.49
N GLU B 116 -9.78 -16.73 -12.72
CA GLU B 116 -8.91 -16.94 -13.89
C GLU B 116 -7.60 -16.15 -13.79
N ALA B 117 -7.67 -14.86 -13.43
CA ALA B 117 -6.45 -14.04 -13.21
C ALA B 117 -5.52 -14.62 -12.15
N GLN B 118 -6.10 -15.05 -11.01
CA GLN B 118 -5.36 -15.70 -9.95
C GLN B 118 -4.62 -16.94 -10.42
N GLN B 119 -5.28 -17.75 -11.27
CA GLN B 119 -4.66 -18.98 -11.80
C GLN B 119 -3.51 -18.62 -12.77
N VAL B 120 -3.76 -17.70 -13.70
CA VAL B 120 -2.72 -17.25 -14.62
C VAL B 120 -1.53 -16.65 -13.88
N LEU B 121 -1.81 -15.77 -12.91
CA LEU B 121 -0.73 -15.08 -12.21
C LEU B 121 0.06 -15.97 -11.24
N SER B 122 -0.62 -16.89 -10.53
CA SER B 122 0.05 -17.86 -9.66
C SER B 122 1.01 -18.75 -10.44
N GLU B 123 0.63 -19.15 -11.66
CA GLU B 123 1.60 -19.93 -12.44
C GLU B 123 2.78 -19.12 -12.97
N LEU B 124 2.56 -17.85 -13.29
CA LEU B 124 3.66 -17.02 -13.74
C LEU B 124 4.67 -16.81 -12.60
N VAL B 125 4.14 -16.51 -11.41
CA VAL B 125 4.97 -16.23 -10.23
C VAL B 125 5.50 -17.53 -9.57
N GLY B 126 4.76 -18.62 -9.67
CA GLY B 126 5.14 -19.88 -9.00
C GLY B 126 4.83 -19.90 -7.50
N ALA B 127 3.90 -19.03 -7.09
CA ALA B 127 3.40 -18.97 -5.73
C ALA B 127 1.97 -18.42 -5.83
N PRO B 128 1.15 -18.62 -4.78
CA PRO B 128 -0.24 -18.12 -4.79
C PRO B 128 -0.34 -16.58 -4.89
N VAL B 129 -1.04 -16.09 -5.92
CA VAL B 129 -1.22 -14.66 -6.13
C VAL B 129 -2.68 -14.35 -5.91
N SER B 130 -2.95 -13.46 -4.97
CA SER B 130 -4.32 -13.01 -4.71
C SER B 130 -4.64 -11.82 -5.60
N VAL B 131 -5.84 -11.79 -6.16
CA VAL B 131 -6.31 -10.69 -7.01
C VAL B 131 -7.56 -10.00 -6.40
N SER B 132 -7.56 -8.67 -6.34
CA SER B 132 -8.76 -7.97 -5.91
C SER B 132 -8.93 -6.66 -6.68
N ALA B 133 -10.04 -5.98 -6.47
CA ALA B 133 -10.32 -4.76 -7.19
C ALA B 133 -11.22 -3.88 -6.37
N THR B 134 -11.10 -2.58 -6.61
CA THR B 134 -11.96 -1.59 -6.00
C THR B 134 -12.11 -0.39 -6.94
N THR B 135 -13.25 0.31 -6.85
CA THR B 135 -13.34 1.65 -7.42
C THR B 135 -13.03 2.63 -6.30
N THR B 136 -12.94 3.92 -6.65
CA THR B 136 -12.79 4.98 -5.68
C THR B 136 -14.05 5.83 -5.62
N ASP B 137 -15.17 5.29 -6.08
CA ASP B 137 -16.46 5.92 -5.92
C ASP B 137 -16.46 7.33 -6.50
N GLY B 138 -15.84 7.47 -7.68
CA GLY B 138 -15.82 8.74 -8.38
C GLY B 138 -14.69 9.67 -8.03
N LEU B 139 -13.86 9.29 -7.06
CA LEU B 139 -12.83 10.22 -6.58
C LEU B 139 -11.46 9.98 -7.21
N GLY B 140 -10.74 11.07 -7.47
CA GLY B 140 -9.36 11.02 -8.00
C GLY B 140 -9.29 10.59 -9.45
N LEU B 141 -8.06 10.38 -9.91
CA LEU B 141 -7.77 10.11 -11.32
C LEU B 141 -8.42 8.81 -11.82
N THR B 142 -8.57 7.86 -10.89
CA THR B 142 -9.20 6.57 -11.18
CA THR B 142 -9.19 6.57 -11.14
C THR B 142 -10.72 6.68 -11.21
N GLY B 143 -11.29 7.48 -10.30
CA GLY B 143 -12.75 7.65 -10.20
C GLY B 143 -13.28 8.42 -11.39
N ARG B 144 -12.52 9.41 -11.83
CA ARG B 144 -12.78 10.14 -13.08
C ARG B 144 -12.59 9.33 -14.38
N GLY B 145 -12.08 8.10 -14.28
CA GLY B 145 -11.82 7.29 -15.47
C GLY B 145 -10.68 7.78 -16.34
N GLU B 146 -9.72 8.48 -15.73
CA GLU B 146 -8.54 8.99 -16.44
C GLU B 146 -7.43 7.94 -16.50
N GLY B 147 -7.36 7.09 -15.48
CA GLY B 147 -6.29 6.11 -15.37
C GLY B 147 -6.71 4.89 -14.61
N LEU B 148 -5.84 3.88 -14.66
CA LEU B 148 -5.95 2.67 -13.84
C LEU B 148 -4.72 2.60 -12.92
N ALA B 149 -4.89 2.09 -11.70
CA ALA B 149 -3.83 2.03 -10.69
C ALA B 149 -3.81 0.60 -10.17
N ALA B 150 -2.68 0.16 -9.62
CA ALA B 150 -2.66 -1.12 -8.93
C ALA B 150 -1.64 -1.01 -7.82
N ILE B 151 -1.87 -1.74 -6.74
CA ILE B 151 -0.90 -1.84 -5.65
CA ILE B 151 -0.94 -1.83 -5.66
C ILE B 151 -0.73 -3.31 -5.33
N ALA B 152 0.53 -3.71 -5.19
CA ALA B 152 0.87 -5.11 -4.97
C ALA B 152 1.81 -5.29 -3.78
N THR B 153 1.69 -6.46 -3.13
CA THR B 153 2.56 -6.92 -2.06
CA THR B 153 2.62 -6.89 -2.10
C THR B 153 3.21 -8.23 -2.49
N ALA B 154 4.38 -8.52 -1.91
CA ALA B 154 5.01 -9.84 -2.05
C ALA B 154 5.74 -10.19 -0.76
N LEU B 155 5.83 -11.49 -0.50
CA LEU B 155 6.59 -12.04 0.62
CA LEU B 155 6.62 -12.01 0.59
C LEU B 155 7.52 -13.13 0.09
N VAL B 156 8.83 -12.94 0.27
CA VAL B 156 9.85 -13.92 -0.13
C VAL B 156 10.68 -14.30 1.12
N ALA B 157 11.49 -15.35 1.01
CA ALA B 157 12.45 -15.68 2.07
C ALA B 157 13.73 -16.24 1.46
N ALA B 158 14.88 -15.81 2.01
CA ALA B 158 16.18 -16.30 1.57
C ALA B 158 16.39 -17.75 1.98
N GLU B 159 17.00 -18.52 1.08
CA GLU B 159 17.36 -19.93 1.33
C GLU B 159 18.24 -20.11 2.58
N LEU C 5 5.50 -20.86 5.17
CA LEU C 5 5.84 -19.41 5.08
C LEU C 5 4.58 -18.57 5.34
N PRO C 6 4.67 -17.52 6.18
CA PRO C 6 3.49 -16.71 6.42
C PRO C 6 3.12 -15.92 5.15
N ARG C 7 1.88 -15.43 5.10
CA ARG C 7 1.38 -14.76 3.90
C ARG C 7 0.92 -13.35 4.21
N VAL C 8 1.30 -12.41 3.34
CA VAL C 8 0.92 -11.01 3.47
CA VAL C 8 0.92 -11.00 3.46
C VAL C 8 -0.21 -10.63 2.48
N GLY C 9 -1.04 -9.66 2.88
CA GLY C 9 -2.16 -9.19 2.07
C GLY C 9 -2.30 -7.68 2.22
N LEU C 10 -3.00 -7.06 1.26
CA LEU C 10 -3.17 -5.61 1.28
C LEU C 10 -4.57 -5.24 0.80
N GLY C 11 -5.15 -4.20 1.42
CA GLY C 11 -6.45 -3.71 1.01
C GLY C 11 -6.51 -2.20 1.07
N THR C 12 -7.19 -1.60 0.10
CA THR C 12 -7.46 -0.15 0.13
C THR C 12 -8.93 0.06 -0.16
N ASP C 13 -9.46 1.18 0.33
CA ASP C 13 -10.84 1.55 0.12
C ASP C 13 -10.97 3.08 0.15
N VAL C 14 -11.93 3.61 -0.60
CA VAL C 14 -12.12 5.07 -0.73
C VAL C 14 -13.60 5.35 -0.82
N HIS C 15 -14.10 6.23 0.04
CA HIS C 15 -15.48 6.73 -0.13
C HIS C 15 -15.63 8.25 -0.01
N PRO C 16 -16.58 8.84 -0.77
CA PRO C 16 -16.81 10.26 -0.53
C PRO C 16 -17.54 10.47 0.79
N ILE C 17 -17.26 11.59 1.42
CA ILE C 17 -18.02 12.00 2.58
C ILE C 17 -19.47 12.35 2.18
N GLU C 18 -20.43 11.79 2.89
CA GLU C 18 -21.86 12.08 2.69
C GLU C 18 -22.40 12.91 3.85
N ALA C 19 -22.87 14.12 3.54
CA ALA C 19 -23.33 15.08 4.53
C ALA C 19 -24.47 14.53 5.40
N GLY C 20 -24.30 14.63 6.72
CA GLY C 20 -25.33 14.23 7.65
C GLY C 20 -25.22 12.78 8.11
N ARG C 21 -24.54 11.94 7.33
CA ARG C 21 -24.31 10.54 7.72
C ARG C 21 -23.53 10.43 9.03
N PRO C 22 -23.95 9.51 9.92
CA PRO C 22 -23.13 9.24 11.10
C PRO C 22 -21.76 8.70 10.67
N CYS C 23 -20.70 9.21 11.30
CA CYS C 23 -19.36 8.84 10.97
C CYS C 23 -18.99 7.54 11.68
N ARG C 24 -19.15 6.44 10.95
CA ARG C 24 -18.71 5.15 11.42
C ARG C 24 -17.34 4.88 10.79
N LEU C 25 -16.33 4.78 11.64
CA LEU C 25 -14.95 4.73 11.18
C LEU C 25 -14.15 3.93 12.17
N LEU C 26 -13.41 2.94 11.67
CA LEU C 26 -12.51 2.13 12.51
C LEU C 26 -13.32 1.43 13.62
N CYS C 27 -14.56 1.10 13.27
CA CYS C 27 -15.54 0.48 14.16
C CYS C 27 -15.88 1.33 15.39
N LEU C 28 -15.65 2.65 15.28
CA LEU C 28 -16.03 3.62 16.31
C LEU C 28 -17.07 4.59 15.74
N GLU C 29 -17.76 5.30 16.62
CA GLU C 29 -18.69 6.33 16.22
CA GLU C 29 -18.69 6.36 16.21
C GLU C 29 -18.05 7.70 16.56
N PHE C 30 -17.75 8.48 15.53
CA PHE C 30 -17.17 9.81 15.71
C PHE C 30 -18.28 10.85 15.55
N ASP C 31 -18.71 11.42 16.67
CA ASP C 31 -19.62 12.56 16.63
C ASP C 31 -18.79 13.76 16.20
N ASP C 32 -19.46 14.79 15.70
CA ASP C 32 -18.78 15.98 15.16
C ASP C 32 -18.05 15.68 13.85
N ALA C 33 -18.64 14.79 13.04
CA ALA C 33 -18.07 14.39 11.75
C ALA C 33 -19.08 13.61 10.90
N ASP C 34 -18.95 13.74 9.58
CA ASP C 34 -19.60 12.86 8.60
C ASP C 34 -18.51 11.80 8.24
N GLY C 35 -18.83 10.55 7.93
CA GLY C 35 -20.07 10.07 7.37
C GLY C 35 -19.72 9.76 5.92
N CYS C 36 -19.26 8.53 5.63
CA CYS C 36 -18.97 8.11 4.23
C CYS C 36 -20.15 7.43 3.55
N ALA C 37 -20.30 7.71 2.25
CA ALA C 37 -21.35 7.09 1.42
C ALA C 37 -21.15 5.57 1.19
N GLY C 38 -22.25 4.84 1.10
CA GLY C 38 -22.22 3.43 0.74
C GLY C 38 -23.45 2.65 1.16
N HIS C 39 -23.60 1.44 0.59
CA HIS C 39 -24.62 0.47 1.00
C HIS C 39 -24.43 0.07 2.47
N SER C 40 -23.16 -0.07 2.85
CA SER C 40 -22.74 -0.33 4.22
C SER C 40 -22.86 0.96 5.07
N ASP C 41 -22.33 0.94 6.30
CA ASP C 41 -22.19 2.13 7.13
C ASP C 41 -21.02 3.06 6.67
N GLY C 42 -20.37 2.67 5.58
CA GLY C 42 -19.31 3.46 4.95
C GLY C 42 -17.98 3.47 5.70
N ASP C 43 -17.74 2.48 6.57
CA ASP C 43 -16.49 2.41 7.34
C ASP C 43 -15.31 1.99 6.46
N VAL C 44 -14.60 2.99 5.96
CA VAL C 44 -13.51 2.82 5.01
C VAL C 44 -12.32 1.98 5.56
N ALA C 45 -12.02 2.16 6.85
CA ALA C 45 -10.98 1.39 7.53
C ALA C 45 -11.35 -0.09 7.74
N ALA C 46 -12.62 -0.37 8.09
CA ALA C 46 -13.11 -1.76 8.19
C ALA C 46 -13.08 -2.48 6.85
N HIS C 47 -13.51 -1.80 5.79
CA HIS C 47 -13.51 -2.34 4.43
C HIS C 47 -12.09 -2.65 3.95
N ALA C 48 -11.18 -1.70 4.14
CA ALA C 48 -9.77 -1.91 3.82
C ALA C 48 -9.16 -3.11 4.59
N LEU C 49 -9.44 -3.19 5.89
CA LEU C 49 -9.03 -4.35 6.73
C LEU C 49 -9.56 -5.69 6.26
N CYS C 50 -10.86 -5.74 5.93
CA CYS C 50 -11.48 -6.94 5.37
C CYS C 50 -10.77 -7.35 4.11
N ASP C 51 -10.56 -6.39 3.20
CA ASP C 51 -9.82 -6.65 1.97
C ASP C 51 -8.42 -7.19 2.20
N ALA C 52 -7.69 -6.62 3.18
CA ALA C 52 -6.33 -7.07 3.49
C ALA C 52 -6.30 -8.53 3.98
N LEU C 53 -7.25 -8.88 4.87
CA LEU C 53 -7.36 -10.25 5.41
C LEU C 53 -7.76 -11.29 4.35
N LEU C 54 -8.78 -10.96 3.54
CA LEU C 54 -9.23 -11.77 2.42
C LEU C 54 -8.13 -12.01 1.40
N SER C 55 -7.34 -10.97 1.15
CA SER C 55 -6.27 -11.13 0.19
C SER C 55 -5.07 -11.94 0.73
N ALA C 56 -4.68 -11.73 1.99
CA ALA C 56 -3.63 -12.57 2.62
C ALA C 56 -3.97 -14.06 2.56
N ALA C 57 -5.26 -14.37 2.67
CA ALA C 57 -5.76 -15.73 2.76
C ALA C 57 -6.23 -16.28 1.42
N GLY C 58 -6.14 -15.48 0.37
CA GLY C 58 -6.52 -15.93 -0.97
C GLY C 58 -8.01 -16.13 -1.18
N LEU C 59 -8.85 -15.34 -0.49
CA LEU C 59 -10.32 -15.56 -0.53
C LEU C 59 -11.15 -14.53 -1.29
N GLY C 60 -10.52 -13.71 -2.11
CA GLY C 60 -11.25 -12.76 -2.91
C GLY C 60 -11.22 -11.36 -2.33
N ASP C 61 -12.29 -10.62 -2.58
CA ASP C 61 -12.44 -9.28 -2.01
C ASP C 61 -13.87 -9.12 -1.52
N LEU C 62 -14.22 -7.91 -1.11
CA LEU C 62 -15.55 -7.62 -0.58
C LEU C 62 -16.69 -8.08 -1.48
N GLY C 63 -16.58 -7.80 -2.78
CA GLY C 63 -17.59 -8.20 -3.77
C GLY C 63 -17.76 -9.70 -3.85
N THR C 64 -16.66 -10.44 -3.75
CA THR C 64 -16.70 -11.89 -3.69
C THR C 64 -17.57 -12.38 -2.54
N ILE C 65 -17.40 -11.74 -1.38
CA ILE C 65 -17.98 -12.25 -0.13
CA ILE C 65 -17.97 -12.23 -0.12
C ILE C 65 -19.37 -11.66 0.13
N PHE C 66 -19.50 -10.34 -0.01
CA PHE C 66 -20.72 -9.61 0.31
C PHE C 66 -21.61 -9.28 -0.89
N GLY C 67 -21.09 -9.46 -2.11
CA GLY C 67 -21.83 -9.16 -3.33
C GLY C 67 -22.16 -7.68 -3.50
N THR C 68 -23.11 -7.38 -4.39
CA THR C 68 -23.52 -6.00 -4.70
C THR C 68 -24.90 -5.68 -4.12
N ASP C 69 -24.96 -4.69 -3.24
CA ASP C 69 -26.21 -4.19 -2.66
C ASP C 69 -27.18 -5.29 -2.19
N ARG C 70 -26.63 -6.36 -1.63
CA ARG C 70 -27.42 -7.48 -1.12
C ARG C 70 -28.22 -7.04 0.10
N PRO C 71 -29.55 -7.27 0.07
CA PRO C 71 -30.44 -6.94 1.20
C PRO C 71 -29.89 -7.37 2.57
N GLN C 72 -29.28 -8.55 2.63
CA GLN C 72 -28.74 -9.14 3.87
CA GLN C 72 -28.77 -9.09 3.90
C GLN C 72 -27.60 -8.29 4.49
N TRP C 73 -26.94 -7.48 3.67
CA TRP C 73 -25.81 -6.66 4.14
C TRP C 73 -26.06 -5.13 4.10
N ARG C 74 -27.32 -4.71 4.00
CA ARG C 74 -27.63 -3.26 4.02
C ARG C 74 -27.45 -2.67 5.42
N GLY C 75 -26.78 -1.52 5.47
CA GLY C 75 -26.44 -0.86 6.74
C GLY C 75 -25.53 -1.69 7.63
N ALA C 76 -25.03 -2.81 7.10
CA ALA C 76 -24.14 -3.72 7.84
C ALA C 76 -22.96 -2.94 8.37
N SER C 77 -22.72 -3.06 9.68
CA SER C 77 -21.60 -2.38 10.31
C SER C 77 -20.28 -2.97 9.79
N GLY C 78 -19.19 -2.23 9.97
CA GLY C 78 -17.85 -2.73 9.73
C GLY C 78 -17.51 -3.91 10.63
N ALA C 79 -17.96 -3.82 11.88
CA ALA C 79 -17.86 -4.93 12.83
C ALA C 79 -18.45 -6.22 12.30
N ASP C 80 -19.67 -6.19 11.74
CA ASP C 80 -20.28 -7.38 11.11
C ASP C 80 -19.40 -7.99 10.03
N MET C 81 -18.84 -7.10 9.22
CA MET C 81 -18.04 -7.49 8.08
C MET C 81 -16.75 -8.10 8.56
N ILE C 82 -16.10 -7.46 9.53
CA ILE C 82 -14.82 -7.99 10.04
C ILE C 82 -15.01 -9.37 10.71
N ARG C 83 -16.08 -9.51 11.51
CA ARG C 83 -16.33 -10.77 12.25
C ARG C 83 -16.58 -11.88 11.24
N HIS C 84 -17.31 -11.57 10.18
CA HIS C 84 -17.59 -12.53 9.11
C HIS C 84 -16.30 -12.98 8.39
N VAL C 85 -15.44 -12.01 8.04
CA VAL C 85 -14.17 -12.28 7.36
C VAL C 85 -13.18 -13.04 8.26
N ARG C 86 -13.17 -12.72 9.56
CA ARG C 86 -12.33 -13.47 10.50
C ARG C 86 -12.66 -14.97 10.48
N GLY C 87 -13.95 -15.30 10.53
CA GLY C 87 -14.44 -16.68 10.45
C GLY C 87 -14.10 -17.40 9.15
N LEU C 88 -14.24 -16.72 8.03
CA LEU C 88 -13.83 -17.27 6.73
C LEU C 88 -12.34 -17.56 6.70
N VAL C 89 -11.54 -16.62 7.19
CA VAL C 89 -10.09 -16.78 7.27
C VAL C 89 -9.67 -17.99 8.15
N GLU C 90 -10.22 -18.08 9.36
CA GLU C 90 -9.93 -19.21 10.25
C GLU C 90 -10.48 -20.57 9.72
N ASN C 91 -11.69 -20.59 9.15
CA ASN C 91 -12.21 -21.81 8.53
CA ASN C 91 -12.19 -21.82 8.54
C ASN C 91 -11.30 -22.32 7.41
N ALA C 92 -10.68 -21.41 6.67
CA ALA C 92 -9.78 -21.77 5.57
C ALA C 92 -8.42 -22.27 6.05
N GLY C 93 -8.23 -22.30 7.37
CA GLY C 93 -7.04 -22.89 7.98
C GLY C 93 -5.94 -21.92 8.39
N PHE C 94 -6.23 -20.62 8.41
CA PHE C 94 -5.22 -19.61 8.76
C PHE C 94 -5.35 -19.06 10.16
N VAL C 95 -4.19 -18.72 10.72
CA VAL C 95 -4.08 -17.98 11.97
C VAL C 95 -3.73 -16.54 11.57
N ILE C 96 -4.46 -15.55 12.07
CA ILE C 96 -4.14 -14.15 11.81
C ILE C 96 -3.02 -13.69 12.75
N GLY C 97 -1.89 -13.22 12.20
CA GLY C 97 -0.78 -12.71 13.05
C GLY C 97 -0.93 -11.26 13.50
N ASN C 98 -1.13 -10.37 12.54
CA ASN C 98 -1.38 -8.94 12.82
C ASN C 98 -2.01 -8.28 11.61
N ALA C 99 -2.56 -7.10 11.82
CA ALA C 99 -3.06 -6.30 10.71
C ALA C 99 -2.84 -4.84 11.08
N THR C 100 -2.82 -3.98 10.05
CA THR C 100 -2.59 -2.54 10.21
C THR C 100 -3.52 -1.82 9.27
N VAL C 101 -3.97 -0.62 9.67
CA VAL C 101 -4.72 0.25 8.80
C VAL C 101 -4.30 1.71 9.00
N GLN C 102 -4.09 2.43 7.90
CA GLN C 102 -3.89 3.88 7.91
C GLN C 102 -5.07 4.57 7.25
N VAL C 103 -5.67 5.52 7.97
CA VAL C 103 -6.75 6.33 7.45
C VAL C 103 -6.12 7.57 6.81
N ILE C 104 -6.58 7.90 5.60
CA ILE C 104 -6.08 9.05 4.87
C ILE C 104 -7.23 10.05 4.69
N GLY C 105 -7.12 11.18 5.39
CA GLY C 105 -8.19 12.20 5.39
C GLY C 105 -8.00 13.27 6.44
N ASN C 106 -8.75 14.37 6.32
CA ASN C 106 -8.62 15.52 7.22
CA ASN C 106 -8.61 15.51 7.24
C ASN C 106 -9.45 15.36 8.51
N ARG C 107 -10.72 15.01 8.35
CA ARG C 107 -11.63 14.84 9.50
C ARG C 107 -12.28 13.46 9.40
N PRO C 108 -12.54 12.79 10.56
CA PRO C 108 -12.24 13.23 11.93
C PRO C 108 -10.76 13.03 12.27
N LYS C 109 -10.34 13.54 13.42
CA LYS C 109 -8.99 13.29 13.93
C LYS C 109 -8.96 11.95 14.65
N VAL C 110 -8.04 11.10 14.22
CA VAL C 110 -8.00 9.72 14.70
C VAL C 110 -7.21 9.68 16.00
N GLY C 111 -6.15 10.49 16.08
CA GLY C 111 -5.27 10.58 17.25
C GLY C 111 -5.92 10.39 18.62
N PRO C 112 -6.91 11.25 18.97
CA PRO C 112 -7.58 11.15 20.29
C PRO C 112 -8.23 9.79 20.56
N ARG C 113 -8.73 9.13 19.51
CA ARG C 113 -9.37 7.82 19.70
C ARG C 113 -8.62 6.61 19.14
N ARG C 114 -7.33 6.81 18.86
CA ARG C 114 -6.47 5.80 18.20
C ARG C 114 -6.32 4.52 19.01
N GLU C 115 -6.03 4.66 20.29
CA GLU C 115 -5.84 3.52 21.19
C GLU C 115 -7.15 2.74 21.39
N GLU C 116 -8.26 3.47 21.54
CA GLU C 116 -9.57 2.84 21.58
C GLU C 116 -9.87 2.08 20.27
N ALA C 117 -9.55 2.68 19.12
CA ALA C 117 -9.70 2.03 17.81
C ALA C 117 -8.94 0.72 17.73
N GLN C 118 -7.68 0.73 18.16
CA GLN C 118 -6.86 -0.50 18.19
C GLN C 118 -7.44 -1.59 19.08
N GLN C 119 -8.01 -1.18 20.22
CA GLN C 119 -8.67 -2.08 21.18
CA GLN C 119 -8.66 -2.09 21.17
C GLN C 119 -9.85 -2.77 20.52
N VAL C 120 -10.76 -1.97 19.96
CA VAL C 120 -11.95 -2.50 19.30
C VAL C 120 -11.58 -3.44 18.14
N LEU C 121 -10.66 -3.00 17.28
CA LEU C 121 -10.33 -3.73 16.07
C LEU C 121 -9.55 -4.99 16.38
N SER C 122 -8.68 -4.94 17.39
CA SER C 122 -7.95 -6.14 17.82
C SER C 122 -8.90 -7.22 18.33
N GLU C 123 -9.94 -6.82 19.05
CA GLU C 123 -10.97 -7.76 19.52
C GLU C 123 -11.74 -8.43 18.39
N LEU C 124 -12.08 -7.66 17.38
CA LEU C 124 -12.87 -8.15 16.24
C LEU C 124 -12.05 -9.00 15.27
N VAL C 125 -10.79 -8.61 15.06
CA VAL C 125 -9.87 -9.33 14.17
C VAL C 125 -9.26 -10.56 14.91
N GLY C 126 -9.10 -10.44 16.23
CA GLY C 126 -8.47 -11.49 17.03
C GLY C 126 -6.96 -11.47 16.97
N ALA C 127 -6.37 -10.33 16.61
CA ALA C 127 -4.93 -10.19 16.50
C ALA C 127 -4.67 -8.71 16.71
N PRO C 128 -3.45 -8.31 17.11
CA PRO C 128 -3.16 -6.87 17.24
C PRO C 128 -3.29 -6.08 15.91
N VAL C 129 -4.12 -5.04 15.95
CA VAL C 129 -4.37 -4.14 14.84
C VAL C 129 -3.75 -2.77 15.13
N SER C 130 -2.84 -2.34 14.27
CA SER C 130 -2.27 -1.02 14.34
C SER C 130 -3.14 -0.01 13.60
N VAL C 131 -3.35 1.15 14.21
CA VAL C 131 -4.10 2.24 13.59
C VAL C 131 -3.17 3.48 13.43
N SER C 132 -3.19 4.06 12.24
CA SER C 132 -2.49 5.32 12.01
C SER C 132 -3.35 6.19 11.12
N ALA C 133 -2.92 7.44 10.96
CA ALA C 133 -3.65 8.39 10.14
C ALA C 133 -2.69 9.36 9.50
N THR C 134 -3.10 9.92 8.37
CA THR C 134 -2.36 10.98 7.70
C THR C 134 -3.37 11.87 7.00
N THR C 135 -3.05 13.17 6.92
CA THR C 135 -3.80 14.08 6.04
C THR C 135 -3.06 14.13 4.71
N THR C 136 -3.62 14.83 3.75
CA THR C 136 -2.97 14.99 2.44
C THR C 136 -2.35 16.37 2.22
N ASP C 137 -2.31 17.20 3.28
CA ASP C 137 -1.79 18.57 3.18
C ASP C 137 -2.53 19.42 2.15
N GLY C 138 -3.85 19.21 2.05
CA GLY C 138 -4.71 19.95 1.12
C GLY C 138 -4.68 19.50 -0.34
N LEU C 139 -4.08 18.34 -0.62
CA LEU C 139 -3.87 17.84 -1.99
C LEU C 139 -4.70 16.59 -2.32
N GLY C 140 -5.00 16.42 -3.60
CA GLY C 140 -5.52 15.13 -4.10
C GLY C 140 -6.96 14.71 -3.83
N LEU C 141 -7.26 13.47 -4.25
CA LEU C 141 -8.61 12.86 -4.22
C LEU C 141 -9.41 13.04 -2.93
N THR C 142 -8.69 13.28 -1.83
CA THR C 142 -9.25 13.40 -0.49
C THR C 142 -8.63 14.60 0.24
N GLY C 143 -8.00 15.50 -0.53
CA GLY C 143 -7.39 16.73 0.00
C GLY C 143 -8.40 17.79 0.39
N ARG C 144 -9.44 17.94 -0.43
CA ARG C 144 -10.68 18.53 0.02
C ARG C 144 -11.28 17.49 0.95
N GLY C 145 -12.10 17.92 1.91
CA GLY C 145 -12.92 17.01 2.70
C GLY C 145 -13.95 16.34 1.81
N GLU C 146 -13.53 15.99 0.60
CA GLU C 146 -14.33 15.28 -0.40
CA GLU C 146 -14.43 15.32 -0.32
C GLU C 146 -14.60 13.83 0.01
N GLY C 147 -13.58 13.20 0.58
CA GLY C 147 -13.66 11.78 0.89
C GLY C 147 -12.64 11.25 1.88
N LEU C 148 -12.80 9.99 2.25
CA LEU C 148 -11.85 9.29 3.14
C LEU C 148 -11.33 8.06 2.43
N ALA C 149 -10.05 7.78 2.62
CA ALA C 149 -9.40 6.57 2.14
C ALA C 149 -8.76 5.79 3.32
N ALA C 150 -8.56 4.49 3.16
CA ALA C 150 -7.82 3.70 4.13
C ALA C 150 -6.99 2.71 3.36
N ILE C 151 -5.80 2.43 3.86
CA ILE C 151 -4.97 1.36 3.33
CA ILE C 151 -4.94 1.37 3.34
C ILE C 151 -4.55 0.43 4.48
N ALA C 152 -4.78 -0.85 4.28
CA ALA C 152 -4.57 -1.88 5.32
C ALA C 152 -3.63 -2.97 4.82
N THR C 153 -2.85 -3.55 5.74
CA THR C 153 -2.07 -4.78 5.48
C THR C 153 -2.46 -5.81 6.54
N ALA C 154 -2.23 -7.07 6.22
CA ALA C 154 -2.47 -8.20 7.12
C ALA C 154 -1.42 -9.27 6.87
N LEU C 155 -1.13 -10.04 7.92
CA LEU C 155 -0.19 -11.16 7.87
C LEU C 155 -0.86 -12.36 8.56
N VAL C 156 -0.99 -13.46 7.82
CA VAL C 156 -1.59 -14.70 8.30
C VAL C 156 -0.62 -15.86 8.06
N ALA C 157 -0.88 -17.01 8.67
CA ALA C 157 -0.07 -18.23 8.45
C ALA C 157 -0.96 -19.45 8.56
N ALA C 158 -0.74 -20.46 7.73
CA ALA C 158 -1.31 -21.79 7.96
C ALA C 158 -0.64 -22.28 9.26
N GLU C 159 -1.35 -22.85 10.23
CA GLU C 159 -2.47 -23.77 10.08
C GLU C 159 -3.56 -23.46 11.10
#